data_8CK5
#
_entry.id   8CK5
#
_cell.length_a   65.701
_cell.length_b   65.701
_cell.length_c   262.106
_cell.angle_alpha   90.00
_cell.angle_beta   90.00
_cell.angle_gamma   120.00
#
_symmetry.space_group_name_H-M   'P 65 2 2'
#
loop_
_entity.id
_entity.type
_entity.pdbx_description
1 polymer 'Vitamin D3 receptor A'
2 polymer 'Nuclear receptor coactivator 1'
3 non-polymer 'ACETATE ION'
4 non-polymer (1R,3S,5Z)-5-[(2E)-2-[(1R,3aS,7aR)-7a-methyl-1-[(2R)-6-methyl-6-nitro-heptan-2-yl]-2,3,3a,5,6,7-hexahydro-1H-inden-4-ylidene]ethylidene]-4-methylidene-cyclohexane-1,3-diol
5 water water
#
loop_
_entity_poly.entity_id
_entity_poly.type
_entity_poly.pdbx_seq_one_letter_code
_entity_poly.pdbx_strand_id
1 'polypeptide(L)'
;GSHMLSDEQMQIINSLVEAHHKTYDDSYSDFVRFRPPVREGPVTRSASRAASLHSLSDASSDSFNHSPESVDTKLNFSNL
LMMYQDSGSPDSSEEDQQSRLSMLPHLADLVSYSIQKVIGFAKMIPGFRDLTAEDQIALLKSSAIEIIMLRSNQSFSLED
MSWSCGGPDFKYCINDVTKAGHTLELLEPLVKFQVGLKKLKLHEEEHVLLMAICLLSPDRPGVQDHVRIEALQDRLCDVL
QAYIRIQHPGGRLLYAKMIQKLADLRSLNEEHSKQYRSLSFQPEHSMQLTPLVLEVFGSEVS
;
A
2 'polypeptide(L)' RHKILHRLLQEGSPS B
#
# COMPACT_ATOMS: atom_id res chain seq x y z
N HIS A 3 24.15 -17.84 -1.98
CA HIS A 3 25.13 -18.15 -0.94
C HIS A 3 24.96 -17.25 0.30
N MET A 4 25.09 -15.93 0.13
CA MET A 4 25.08 -15.02 1.28
C MET A 4 24.69 -13.61 0.83
N LEU A 5 24.34 -12.78 1.83
CA LEU A 5 23.99 -11.37 1.66
C LEU A 5 25.10 -10.47 2.19
N SER A 6 25.23 -9.29 1.60
CA SER A 6 26.23 -8.33 2.03
C SER A 6 25.70 -7.46 3.16
N ASP A 7 26.62 -6.75 3.81
CA ASP A 7 26.23 -5.82 4.87
C ASP A 7 25.37 -4.70 4.32
N GLU A 8 25.66 -4.21 3.12
CA GLU A 8 24.81 -3.18 2.52
C GLU A 8 23.40 -3.71 2.31
N GLN A 9 23.28 -4.95 1.85
CA GLN A 9 21.95 -5.53 1.64
C GLN A 9 21.25 -5.79 2.95
N MET A 10 21.95 -6.41 3.89
CA MET A 10 21.36 -6.67 5.19
C MET A 10 20.96 -5.35 5.85
N GLN A 11 21.72 -4.28 5.61
CA GLN A 11 21.36 -2.97 6.14
C GLN A 11 20.04 -2.48 5.57
N ILE A 12 19.82 -2.69 4.27
CA ILE A 12 18.57 -2.27 3.63
C ILE A 12 17.38 -3.00 4.25
N ILE A 13 17.52 -4.31 4.45
CA ILE A 13 16.46 -5.09 5.09
C ILE A 13 16.15 -4.51 6.47
N ASN A 14 17.19 -4.30 7.29
CA ASN A 14 16.97 -3.72 8.62
C ASN A 14 16.25 -2.39 8.53
N SER A 15 16.70 -1.50 7.64
CA SER A 15 16.03 -0.20 7.47
C SER A 15 14.58 -0.37 7.07
N LEU A 16 14.30 -1.27 6.14
CA LEU A 16 12.91 -1.44 5.73
C LEU A 16 12.07 -2.04 6.85
N VAL A 17 12.57 -3.06 7.54
CA VAL A 17 11.78 -3.68 8.60
C VAL A 17 11.47 -2.66 9.68
N GLU A 18 12.47 -1.89 10.09
CA GLU A 18 12.24 -0.87 11.10
C GLU A 18 11.21 0.14 10.62
N ALA A 19 11.38 0.66 9.40
CA ALA A 19 10.41 1.60 8.85
C ALA A 19 8.99 1.08 8.97
N HIS A 20 8.80 -0.22 8.69
CA HIS A 20 7.46 -0.78 8.74
C HIS A 20 6.97 -0.93 10.17
N HIS A 21 7.86 -1.34 11.08
CA HIS A 21 7.39 -1.43 12.47
C HIS A 21 7.00 -0.06 13.00
N LYS A 22 7.62 0.99 12.48
CA LYS A 22 7.36 2.34 12.91
C LYS A 22 6.06 2.88 12.36
N THR A 23 5.53 2.29 11.30
CA THR A 23 4.37 2.85 10.63
C THR A 23 3.19 1.90 10.60
N TYR A 24 3.29 0.74 11.24
CA TYR A 24 2.18 -0.21 11.27
C TYR A 24 2.03 -0.61 12.71
N ASP A 25 0.88 -0.29 13.30
CA ASP A 25 0.58 -0.50 14.70
C ASP A 25 -0.40 -1.66 14.79
N ASP A 26 0.13 -2.83 15.17
CA ASP A 26 -0.70 -4.03 15.31
C ASP A 26 -1.81 -3.88 16.33
N SER A 27 -1.79 -2.86 17.20
CA SER A 27 -2.87 -2.71 18.16
C SER A 27 -4.10 -2.04 17.56
N TYR A 28 -3.95 -1.39 16.41
CA TYR A 28 -5.05 -0.71 15.73
C TYR A 28 -5.80 0.21 16.68
N SER A 29 -5.13 0.68 17.73
CA SER A 29 -5.83 1.46 18.73
C SER A 29 -6.25 2.81 18.18
N ASP A 30 -5.52 3.34 17.20
CA ASP A 30 -5.89 4.60 16.59
C ASP A 30 -7.23 4.54 15.85
N PHE A 31 -7.77 3.36 15.58
CA PHE A 31 -8.95 3.28 14.72
C PHE A 31 -10.19 3.89 15.35
N VAL A 32 -10.25 3.94 16.69
CA VAL A 32 -11.40 4.55 17.35
C VAL A 32 -11.51 6.02 17.05
N ARG A 33 -10.45 6.62 16.53
CA ARG A 33 -10.50 8.04 16.26
C ARG A 33 -11.09 8.35 14.90
N PHE A 34 -11.27 7.34 14.05
CA PHE A 34 -11.96 7.53 12.80
C PHE A 34 -13.43 7.75 13.04
N ARG A 35 -14.09 8.39 12.08
CA ARG A 35 -15.55 8.39 12.07
C ARG A 35 -16.02 6.95 12.13
N PRO A 36 -17.01 6.63 12.97
CA PRO A 36 -17.31 5.21 13.24
C PRO A 36 -17.86 4.50 12.02
N PRO A 37 -17.78 3.17 12.00
CA PRO A 37 -18.40 2.42 10.90
C PRO A 37 -19.90 2.29 11.10
N VAL A 38 -20.64 2.37 9.99
CA VAL A 38 -22.09 2.22 9.99
C VAL A 38 -22.45 1.13 8.97
N ARG A 39 -23.22 0.14 9.42
CA ARG A 39 -23.62 -0.97 8.56
C ARG A 39 -25.11 -1.18 8.61
N ARG A 100 -27.35 4.91 2.65
CA ARG A 100 -26.64 4.81 1.37
C ARG A 100 -25.20 5.29 1.54
N LEU A 101 -24.26 4.38 1.32
CA LEU A 101 -22.82 4.61 1.45
C LEU A 101 -22.40 4.88 2.91
N SER A 102 -22.97 4.09 3.83
CA SER A 102 -22.77 4.29 5.26
C SER A 102 -21.34 4.03 5.71
N MET A 103 -20.57 3.21 4.99
CA MET A 103 -19.21 2.96 5.41
C MET A 103 -18.21 3.93 4.80
N LEU A 104 -18.64 4.79 3.89
CA LEU A 104 -17.69 5.73 3.28
C LEU A 104 -16.96 6.60 4.30
N PRO A 105 -17.60 7.19 5.33
CA PRO A 105 -16.81 7.98 6.28
C PRO A 105 -15.75 7.18 7.02
N HIS A 106 -16.11 6.01 7.54
CA HIS A 106 -15.10 5.24 8.27
C HIS A 106 -13.96 4.79 7.36
N LEU A 107 -14.28 4.29 6.15
CA LEU A 107 -13.20 3.79 5.30
C LEU A 107 -12.35 4.90 4.72
N ALA A 108 -12.95 6.07 4.46
CA ALA A 108 -12.14 7.20 4.01
C ALA A 108 -11.14 7.61 5.07
N ASP A 109 -11.55 7.59 6.34
CA ASP A 109 -10.64 7.90 7.44
C ASP A 109 -9.57 6.83 7.56
N LEU A 110 -9.96 5.57 7.44
CA LEU A 110 -8.98 4.49 7.47
C LEU A 110 -7.95 4.67 6.37
N VAL A 111 -8.40 4.98 5.14
CA VAL A 111 -7.43 5.11 4.05
C VAL A 111 -6.58 6.36 4.24
N SER A 112 -7.19 7.45 4.71
CA SER A 112 -6.42 8.68 4.92
C SER A 112 -5.31 8.45 5.93
N TYR A 113 -5.64 7.82 7.05
CA TYR A 113 -4.64 7.44 8.04
C TYR A 113 -3.57 6.57 7.41
N SER A 114 -3.98 5.55 6.65
CA SER A 114 -2.99 4.66 6.05
C SER A 114 -2.07 5.44 5.10
N ILE A 115 -2.60 6.41 4.35
CA ILE A 115 -1.74 7.19 3.45
C ILE A 115 -0.64 7.89 4.24
N GLN A 116 -0.99 8.46 5.39
CA GLN A 116 0.05 9.06 6.22
C GLN A 116 1.08 8.03 6.61
N LYS A 117 0.69 6.89 6.96
CA LYS A 117 1.58 5.83 7.33
C LYS A 117 2.49 5.46 6.15
N VAL A 118 1.96 5.27 4.90
CA VAL A 118 2.79 4.95 3.74
C VAL A 118 3.81 6.04 3.48
N ILE A 119 3.41 7.32 3.64
CA ILE A 119 4.35 8.43 3.48
C ILE A 119 5.48 8.30 4.49
N GLY A 120 5.13 7.98 5.74
CA GLY A 120 6.17 7.78 6.74
C GLY A 120 7.05 6.60 6.41
N PHE A 121 6.46 5.58 5.79
CA PHE A 121 7.28 4.43 5.38
C PHE A 121 8.22 4.83 4.26
N ALA A 122 7.68 5.48 3.23
CA ALA A 122 8.48 5.88 2.08
C ALA A 122 9.67 6.72 2.51
N LYS A 123 9.47 7.69 3.41
CA LYS A 123 10.56 8.57 3.81
C LYS A 123 11.72 7.81 4.42
N MET A 124 11.49 6.60 4.90
CA MET A 124 12.56 5.82 5.50
C MET A 124 13.09 4.75 4.56
N ILE A 125 12.58 4.66 3.34
CA ILE A 125 13.26 3.83 2.36
C ILE A 125 14.59 4.48 2.00
N PRO A 126 15.70 3.78 2.08
CA PRO A 126 16.99 4.34 1.65
C PRO A 126 16.92 4.91 0.24
N GLY A 127 17.25 6.20 0.12
CA GLY A 127 17.34 6.87 -1.15
C GLY A 127 16.07 7.60 -1.59
N PHE A 128 14.92 7.19 -1.07
CA PHE A 128 13.68 7.89 -1.40
C PHE A 128 13.78 9.35 -1.00
N ARG A 129 14.31 9.62 0.19
CA ARG A 129 14.45 10.99 0.69
C ARG A 129 15.21 11.87 -0.29
N ASP A 130 16.17 11.27 -1.00
CA ASP A 130 17.08 12.02 -1.86
C ASP A 130 16.56 12.19 -3.27
N LEU A 131 15.36 11.69 -3.55
CA LEU A 131 14.66 12.04 -4.79
C LEU A 131 14.13 13.47 -4.69
N THR A 132 13.93 14.10 -5.84
CA THR A 132 13.27 15.38 -5.87
C THR A 132 11.87 15.27 -5.26
N ALA A 133 11.34 16.41 -4.84
CA ALA A 133 10.01 16.38 -4.23
C ALA A 133 8.94 16.00 -5.24
N GLU A 134 9.10 16.44 -6.50
CA GLU A 134 8.17 16.03 -7.55
C GLU A 134 8.17 14.52 -7.69
N ASP A 135 9.36 13.92 -7.76
CA ASP A 135 9.48 12.47 -7.89
C ASP A 135 8.86 11.76 -6.70
N GLN A 136 9.11 12.25 -5.47
CA GLN A 136 8.49 11.61 -4.31
C GLN A 136 6.97 11.68 -4.41
N ILE A 137 6.44 12.82 -4.81
CA ILE A 137 5.00 12.96 -4.97
C ILE A 137 4.50 12.08 -6.10
N ALA A 138 5.18 12.12 -7.24
CA ALA A 138 4.85 11.23 -8.36
C ALA A 138 4.73 9.78 -7.89
N LEU A 139 5.76 9.26 -7.23
CA LEU A 139 5.72 7.87 -6.78
C LEU A 139 4.58 7.62 -5.84
N LEU A 140 4.36 8.54 -4.88
CA LEU A 140 3.35 8.30 -3.86
C LEU A 140 1.95 8.38 -4.46
N LYS A 141 1.71 9.35 -5.35
CA LYS A 141 0.37 9.47 -5.93
C LYS A 141 -0.02 8.20 -6.69
N SER A 142 0.89 7.66 -7.49
CA SER A 142 0.52 6.48 -8.26
C SER A 142 0.54 5.20 -7.43
N SER A 143 1.37 5.11 -6.39
CA SER A 143 1.51 3.83 -5.71
C SER A 143 0.77 3.71 -4.39
N ALA A 144 0.21 4.80 -3.84
CA ALA A 144 -0.36 4.74 -2.50
C ALA A 144 -1.43 3.65 -2.40
N ILE A 145 -2.38 3.62 -3.33
CA ILE A 145 -3.44 2.64 -3.18
C ILE A 145 -2.88 1.22 -3.27
N GLU A 146 -1.82 1.02 -4.06
CA GLU A 146 -1.20 -0.30 -4.13
C GLU A 146 -0.53 -0.69 -2.82
N ILE A 147 0.24 0.23 -2.22
CA ILE A 147 0.89 -0.04 -0.93
C ILE A 147 -0.15 -0.33 0.12
N ILE A 148 -1.27 0.40 0.09
CA ILE A 148 -2.32 0.16 1.08
C ILE A 148 -2.89 -1.26 0.91
N MET A 149 -3.10 -1.67 -0.33
CA MET A 149 -3.58 -3.03 -0.61
C MET A 149 -2.58 -4.07 -0.11
N LEU A 150 -1.27 -3.83 -0.31
CA LEU A 150 -0.26 -4.77 0.19
C LEU A 150 -0.25 -4.82 1.70
N ARG A 151 -0.10 -3.65 2.34
CA ARG A 151 0.06 -3.62 3.79
C ARG A 151 -1.19 -4.15 4.49
N SER A 152 -2.36 -3.97 3.87
CA SER A 152 -3.60 -4.48 4.43
C SER A 152 -3.60 -6.00 4.52
N ASN A 153 -2.69 -6.69 3.82
CA ASN A 153 -2.66 -8.15 3.92
C ASN A 153 -2.36 -8.59 5.35
N GLN A 154 -1.65 -7.76 6.11
CA GLN A 154 -1.31 -8.09 7.48
C GLN A 154 -2.54 -8.18 8.39
N SER A 155 -3.65 -7.49 8.09
CA SER A 155 -4.88 -7.69 8.86
C SER A 155 -5.84 -8.68 8.21
N PHE A 156 -5.54 -9.18 7.00
CA PHE A 156 -6.47 -10.02 6.28
C PHE A 156 -6.41 -11.43 6.83
N SER A 157 -7.58 -12.04 7.01
CA SER A 157 -7.68 -13.37 7.57
C SER A 157 -8.32 -14.30 6.55
N LEU A 158 -7.73 -15.48 6.34
CA LEU A 158 -8.28 -16.42 5.38
C LEU A 158 -9.57 -17.04 5.86
N GLU A 159 -9.67 -17.26 7.18
CA GLU A 159 -10.86 -17.93 7.69
C GLU A 159 -12.08 -17.03 7.69
N ASP A 160 -11.87 -15.71 7.73
CA ASP A 160 -12.98 -14.77 7.72
C ASP A 160 -13.21 -14.15 6.35
N MET A 161 -12.22 -14.21 5.46
CA MET A 161 -12.26 -13.50 4.18
C MET A 161 -12.50 -12.02 4.41
N SER A 162 -11.86 -11.50 5.44
CA SER A 162 -12.05 -10.10 5.79
C SER A 162 -10.79 -9.57 6.43
N TRP A 163 -10.74 -8.25 6.56
CA TRP A 163 -9.66 -7.59 7.26
C TRP A 163 -10.11 -7.39 8.70
N SER A 164 -9.39 -8.01 9.64
CA SER A 164 -9.77 -7.99 11.05
C SER A 164 -8.81 -7.09 11.82
N CYS A 165 -9.28 -5.92 12.23
CA CYS A 165 -8.42 -4.92 12.86
C CYS A 165 -8.73 -4.77 14.35
N GLY A 166 -8.54 -5.85 15.09
CA GLY A 166 -8.65 -5.75 16.53
C GLY A 166 -10.07 -5.93 17.05
N GLY A 167 -10.96 -5.00 16.70
CA GLY A 167 -12.31 -5.06 17.20
C GLY A 167 -13.28 -5.68 16.21
N PRO A 168 -14.43 -6.14 16.70
CA PRO A 168 -15.50 -6.56 15.78
C PRO A 168 -16.08 -5.40 14.96
N ASP A 169 -16.02 -4.17 15.46
CA ASP A 169 -16.51 -3.09 14.62
C ASP A 169 -15.51 -2.71 13.54
N PHE A 170 -14.23 -3.01 13.75
CA PHE A 170 -13.22 -2.87 12.70
C PHE A 170 -12.89 -4.20 12.04
N LYS A 171 -13.91 -5.02 11.78
CA LYS A 171 -13.81 -6.20 10.91
C LYS A 171 -14.53 -5.87 9.60
N TYR A 172 -13.75 -5.59 8.55
CA TYR A 172 -14.29 -5.18 7.26
C TYR A 172 -14.51 -6.39 6.37
N CYS A 173 -15.75 -6.86 6.28
N CYS A 173 -15.77 -6.83 6.28
CA CYS A 173 -16.07 -7.85 5.28
CA CYS A 173 -16.22 -7.79 5.29
C CYS A 173 -16.25 -7.16 3.93
C CYS A 173 -16.20 -7.14 3.90
N ILE A 174 -16.46 -7.95 2.88
CA ILE A 174 -16.60 -7.42 1.53
C ILE A 174 -17.78 -6.46 1.48
N ASN A 175 -18.86 -6.79 2.20
CA ASN A 175 -20.07 -5.99 2.11
C ASN A 175 -19.84 -4.59 2.64
N ASP A 176 -19.14 -4.47 3.79
CA ASP A 176 -18.77 -3.16 4.30
C ASP A 176 -18.18 -2.28 3.21
N VAL A 177 -17.33 -2.84 2.34
CA VAL A 177 -16.69 -2.03 1.30
C VAL A 177 -17.66 -1.71 0.16
N THR A 178 -18.70 -2.51 -0.02
CA THR A 178 -19.72 -2.12 -0.98
C THR A 178 -20.46 -0.87 -0.50
N LYS A 179 -20.70 -0.76 0.80
CA LYS A 179 -21.37 0.39 1.36
C LYS A 179 -20.46 1.59 1.49
N ALA A 180 -19.32 1.57 0.80
CA ALA A 180 -18.48 2.75 0.64
C ALA A 180 -18.29 3.12 -0.81
N GLY A 181 -19.08 2.54 -1.72
CA GLY A 181 -19.11 2.96 -3.10
C GLY A 181 -18.47 2.03 -4.11
N HIS A 182 -17.93 0.89 -3.70
CA HIS A 182 -17.24 0.05 -4.68
C HIS A 182 -18.10 -1.13 -5.10
N THR A 183 -17.73 -1.71 -6.25
CA THR A 183 -18.44 -2.83 -6.85
C THR A 183 -17.58 -4.08 -6.86
N LEU A 184 -18.23 -5.21 -7.10
CA LEU A 184 -17.51 -6.47 -7.10
C LEU A 184 -16.48 -6.53 -8.22
N GLU A 185 -16.58 -5.67 -9.23
CA GLU A 185 -15.53 -5.58 -10.24
C GLU A 185 -14.19 -5.19 -9.62
N LEU A 186 -14.22 -4.51 -8.46
CA LEU A 186 -13.01 -4.26 -7.69
C LEU A 186 -12.84 -5.24 -6.54
N LEU A 187 -13.90 -5.48 -5.77
CA LEU A 187 -13.74 -6.21 -4.52
C LEU A 187 -13.38 -7.66 -4.77
N GLU A 188 -13.93 -8.28 -5.81
CA GLU A 188 -13.62 -9.67 -6.08
C GLU A 188 -12.14 -9.88 -6.38
N PRO A 189 -11.53 -9.19 -7.36
CA PRO A 189 -10.07 -9.36 -7.54
C PRO A 189 -9.26 -8.94 -6.33
N LEU A 190 -9.69 -7.88 -5.64
CA LEU A 190 -9.04 -7.47 -4.40
C LEU A 190 -8.98 -8.61 -3.40
N VAL A 191 -10.09 -9.33 -3.23
CA VAL A 191 -10.13 -10.36 -2.22
C VAL A 191 -9.31 -11.57 -2.65
N LYS A 192 -9.43 -11.98 -3.92
CA LYS A 192 -8.58 -13.06 -4.42
C LYS A 192 -7.11 -12.66 -4.35
N PHE A 193 -6.80 -11.38 -4.58
CA PHE A 193 -5.43 -10.94 -4.42
C PHE A 193 -4.94 -11.16 -3.00
N GLN A 194 -5.71 -10.71 -2.00
CA GLN A 194 -5.33 -10.91 -0.61
C GLN A 194 -5.14 -12.39 -0.30
N VAL A 195 -5.99 -13.23 -0.87
CA VAL A 195 -5.90 -14.64 -0.56
C VAL A 195 -4.62 -15.23 -1.14
N GLY A 196 -4.32 -14.94 -2.41
CA GLY A 196 -3.10 -15.48 -3.00
C GLY A 196 -1.87 -14.96 -2.31
N LEU A 197 -1.89 -13.70 -1.91
CA LEU A 197 -0.76 -13.11 -1.20
C LEU A 197 -0.61 -13.70 0.21
N LYS A 198 -1.73 -13.95 0.89
CA LYS A 198 -1.63 -14.53 2.22
C LYS A 198 -1.06 -15.94 2.15
N LYS A 199 -1.38 -16.68 1.06
CA LYS A 199 -0.90 -18.04 0.89
C LYS A 199 0.59 -18.09 0.61
N LEU A 200 1.15 -17.02 0.02
CA LEU A 200 2.59 -16.98 -0.16
C LEU A 200 3.34 -17.04 1.19
N LYS A 201 2.67 -16.74 2.30
CA LYS A 201 3.26 -16.91 3.64
C LYS A 201 4.59 -16.17 3.72
N LEU A 202 4.57 -14.92 3.28
CA LEU A 202 5.78 -14.13 3.13
C LEU A 202 6.43 -13.83 4.47
N HIS A 203 7.76 -13.92 4.51
CA HIS A 203 8.46 -13.42 5.67
C HIS A 203 8.23 -11.92 5.77
N GLU A 204 8.35 -11.41 6.99
CA GLU A 204 8.24 -9.97 7.21
C GLU A 204 9.17 -9.19 6.28
N GLU A 205 10.43 -9.65 6.20
CA GLU A 205 11.43 -9.07 5.31
C GLU A 205 10.95 -9.02 3.85
N GLU A 206 10.37 -10.12 3.37
CA GLU A 206 9.90 -10.14 1.98
C GLU A 206 8.70 -9.22 1.81
N HIS A 207 7.80 -9.21 2.79
CA HIS A 207 6.63 -8.32 2.74
C HIS A 207 7.05 -6.86 2.65
N VAL A 208 8.03 -6.45 3.45
N VAL A 208 8.02 -6.46 3.45
CA VAL A 208 8.43 -5.05 3.44
CA VAL A 208 8.41 -5.06 3.43
C VAL A 208 9.20 -4.73 2.18
C VAL A 208 9.21 -4.73 2.18
N LEU A 209 10.00 -5.70 1.68
CA LEU A 209 10.76 -5.47 0.45
C LEU A 209 9.82 -5.25 -0.72
N LEU A 210 8.75 -6.03 -0.79
CA LEU A 210 7.78 -5.86 -1.87
C LEU A 210 7.13 -4.47 -1.81
N MET A 211 6.75 -4.01 -0.62
CA MET A 211 6.19 -2.66 -0.52
C MET A 211 7.20 -1.63 -1.02
N ALA A 212 8.47 -1.76 -0.61
CA ALA A 212 9.50 -0.82 -1.07
C ALA A 212 9.66 -0.91 -2.58
N ILE A 213 9.75 -2.12 -3.12
CA ILE A 213 9.91 -2.29 -4.57
C ILE A 213 8.74 -1.65 -5.31
N CYS A 214 7.52 -1.89 -4.83
CA CYS A 214 6.33 -1.35 -5.47
C CYS A 214 6.33 0.19 -5.46
N LEU A 215 6.67 0.78 -4.31
CA LEU A 215 6.78 2.23 -4.23
C LEU A 215 7.78 2.78 -5.23
N LEU A 216 8.93 2.13 -5.37
CA LEU A 216 10.04 2.65 -6.16
C LEU A 216 10.03 2.14 -7.59
N SER A 217 8.86 1.99 -8.20
CA SER A 217 8.81 1.62 -9.62
C SER A 217 9.00 2.89 -10.45
N PRO A 218 9.99 2.95 -11.33
CA PRO A 218 10.12 4.13 -12.18
C PRO A 218 9.02 4.27 -13.22
N ASP A 219 8.21 3.24 -13.45
CA ASP A 219 7.25 3.27 -14.55
C ASP A 219 5.88 3.74 -14.06
N ARG A 220 5.90 4.87 -13.43
CA ARG A 220 4.74 5.59 -13.01
C ARG A 220 4.64 6.88 -13.80
N PRO A 221 3.44 7.30 -14.16
CA PRO A 221 3.30 8.60 -14.84
C PRO A 221 3.81 9.70 -13.92
N GLY A 222 4.58 10.63 -14.48
CA GLY A 222 5.04 11.76 -13.72
C GLY A 222 6.45 11.64 -13.17
N VAL A 223 7.04 10.45 -13.22
CA VAL A 223 8.42 10.30 -12.76
C VAL A 223 9.35 11.06 -13.70
N GLN A 224 10.27 11.83 -13.12
CA GLN A 224 11.28 12.51 -13.92
C GLN A 224 12.63 11.80 -13.88
N ASP A 225 13.15 11.47 -12.70
CA ASP A 225 14.47 10.84 -12.64
C ASP A 225 14.30 9.32 -12.78
N HIS A 226 13.94 8.94 -14.00
CA HIS A 226 13.70 7.53 -14.30
C HIS A 226 14.91 6.67 -13.95
N VAL A 227 16.11 7.13 -14.32
CA VAL A 227 17.29 6.30 -14.10
C VAL A 227 17.53 6.07 -12.62
N ARG A 228 17.40 7.12 -11.80
CA ARG A 228 17.72 7.00 -10.38
C ARG A 228 16.79 6.03 -9.69
N ILE A 229 15.49 6.16 -9.95
CA ILE A 229 14.50 5.33 -9.29
C ILE A 229 14.68 3.87 -9.72
N GLU A 230 14.89 3.65 -11.02
CA GLU A 230 15.12 2.30 -11.52
C GLU A 230 16.28 1.63 -10.82
N ALA A 231 17.40 2.35 -10.66
CA ALA A 231 18.54 1.78 -9.97
C ALA A 231 18.19 1.40 -8.54
N LEU A 232 17.50 2.30 -7.82
CA LEU A 232 17.01 1.98 -6.49
C LEU A 232 16.20 0.68 -6.49
N GLN A 233 15.19 0.61 -7.38
CA GLN A 233 14.37 -0.58 -7.44
C GLN A 233 15.19 -1.82 -7.79
N ASP A 234 16.23 -1.65 -8.62
CA ASP A 234 17.15 -2.76 -8.91
C ASP A 234 17.79 -3.27 -7.63
N ARG A 235 18.28 -2.36 -6.80
CA ARG A 235 18.95 -2.78 -5.56
C ARG A 235 18.00 -3.60 -4.68
N LEU A 236 16.74 -3.16 -4.57
CA LEU A 236 15.80 -3.86 -3.71
C LEU A 236 15.45 -5.24 -4.26
N CYS A 237 15.23 -5.34 -5.57
CA CYS A 237 14.94 -6.64 -6.17
C CYS A 237 16.10 -7.61 -5.95
N ASP A 238 17.34 -7.13 -6.11
CA ASP A 238 18.50 -7.96 -5.85
C ASP A 238 18.50 -8.46 -4.41
N VAL A 239 18.21 -7.56 -3.47
CA VAL A 239 18.14 -7.96 -2.07
C VAL A 239 17.06 -9.02 -1.88
N LEU A 240 15.87 -8.76 -2.41
CA LEU A 240 14.78 -9.71 -2.27
C LEU A 240 15.15 -11.07 -2.85
N GLN A 241 15.63 -11.09 -4.09
CA GLN A 241 15.91 -12.35 -4.76
C GLN A 241 17.00 -13.11 -4.01
N ALA A 242 17.97 -12.39 -3.45
CA ALA A 242 19.01 -13.02 -2.64
C ALA A 242 18.44 -13.51 -1.32
N TYR A 243 17.66 -12.67 -0.64
CA TYR A 243 17.08 -13.06 0.64
C TYR A 243 16.31 -14.37 0.50
N ILE A 244 15.44 -14.44 -0.50
CA ILE A 244 14.64 -15.64 -0.70
C ILE A 244 15.54 -16.86 -0.91
N ARG A 245 16.64 -16.68 -1.64
CA ARG A 245 17.53 -17.81 -1.97
C ARG A 245 18.16 -18.38 -0.71
N ILE A 246 18.68 -17.52 0.15
CA ILE A 246 19.43 -18.00 1.30
C ILE A 246 18.50 -18.38 2.45
N GLN A 247 17.51 -17.53 2.72
CA GLN A 247 16.76 -17.54 3.97
C GLN A 247 15.38 -18.16 3.88
N HIS A 248 14.84 -18.37 2.69
CA HIS A 248 13.47 -18.87 2.61
C HIS A 248 13.48 -20.31 2.11
N PRO A 249 13.50 -21.31 3.00
CA PRO A 249 13.58 -22.69 2.54
C PRO A 249 12.42 -23.05 1.62
N GLY A 250 12.76 -23.56 0.43
CA GLY A 250 11.76 -23.83 -0.59
C GLY A 250 11.20 -22.60 -1.27
N GLY A 251 12.03 -21.61 -1.60
CA GLY A 251 11.51 -20.39 -2.16
C GLY A 251 11.90 -20.22 -3.61
N ARG A 252 12.29 -21.34 -4.23
CA ARG A 252 12.85 -21.32 -5.58
C ARG A 252 11.97 -20.53 -6.54
N LEU A 253 10.65 -20.57 -6.33
CA LEU A 253 9.68 -19.90 -7.18
C LEU A 253 9.04 -18.68 -6.51
N LEU A 254 9.54 -18.26 -5.36
CA LEU A 254 8.82 -17.20 -4.64
C LEU A 254 9.00 -15.85 -5.32
N TYR A 255 10.20 -15.54 -5.78
CA TYR A 255 10.44 -14.23 -6.37
C TYR A 255 9.46 -13.95 -7.50
N ALA A 256 9.33 -14.91 -8.42
CA ALA A 256 8.41 -14.72 -9.55
C ALA A 256 6.96 -14.60 -9.09
N LYS A 257 6.56 -15.30 -8.03
CA LYS A 257 5.20 -15.18 -7.54
C LYS A 257 4.94 -13.76 -7.05
N MET A 258 5.96 -13.13 -6.47
CA MET A 258 5.82 -11.78 -5.91
C MET A 258 5.76 -10.74 -7.02
N ILE A 259 6.61 -10.88 -8.05
CA ILE A 259 6.58 -9.96 -9.18
C ILE A 259 5.24 -10.02 -9.89
N GLN A 260 4.62 -11.20 -9.92
CA GLN A 260 3.29 -11.31 -10.49
C GLN A 260 2.29 -10.48 -9.68
N LYS A 261 2.40 -10.51 -8.36
CA LYS A 261 1.50 -9.70 -7.54
C LYS A 261 1.69 -8.23 -7.81
N LEU A 262 2.92 -7.79 -8.13
CA LEU A 262 3.07 -6.40 -8.52
C LEU A 262 2.24 -6.11 -9.77
N ALA A 263 2.24 -7.03 -10.73
CA ALA A 263 1.39 -6.87 -11.90
C ALA A 263 -0.08 -6.85 -11.52
N ASP A 264 -0.50 -7.74 -10.61
CA ASP A 264 -1.90 -7.74 -10.17
C ASP A 264 -2.28 -6.40 -9.56
N LEU A 265 -1.36 -5.79 -8.82
CA LEU A 265 -1.65 -4.52 -8.16
C LEU A 265 -1.91 -3.41 -9.18
N ARG A 266 -1.16 -3.37 -10.28
CA ARG A 266 -1.45 -2.41 -11.36
C ARG A 266 -2.89 -2.50 -11.81
N SER A 267 -3.40 -3.72 -11.96
CA SER A 267 -4.76 -3.92 -12.40
C SER A 267 -5.75 -3.48 -11.33
N LEU A 268 -5.46 -3.77 -10.06
CA LEU A 268 -6.32 -3.29 -8.98
C LEU A 268 -6.27 -1.77 -8.88
N ASN A 269 -5.11 -1.18 -9.13
CA ASN A 269 -5.01 0.28 -9.15
C ASN A 269 -5.94 0.86 -10.21
N GLU A 270 -5.90 0.26 -11.40
CA GLU A 270 -6.68 0.76 -12.53
C GLU A 270 -8.17 0.74 -12.24
N GLU A 271 -8.69 -0.40 -11.78
CA GLU A 271 -10.11 -0.50 -11.47
C GLU A 271 -10.47 0.41 -10.30
N HIS A 272 -9.61 0.48 -9.29
CA HIS A 272 -9.85 1.42 -8.20
C HIS A 272 -9.97 2.85 -8.70
N SER A 273 -9.02 3.30 -9.53
CA SER A 273 -9.08 4.67 -10.04
C SER A 273 -10.38 4.91 -10.80
N LYS A 274 -10.81 3.94 -11.60
CA LYS A 274 -12.11 4.01 -12.24
C LYS A 274 -13.21 4.32 -11.23
N GLN A 275 -13.30 3.50 -10.18
CA GLN A 275 -14.42 3.65 -9.25
C GLN A 275 -14.26 4.90 -8.39
N TYR A 276 -13.02 5.25 -8.04
CA TYR A 276 -12.81 6.49 -7.30
C TYR A 276 -13.26 7.70 -8.12
N ARG A 277 -12.99 7.70 -9.42
CA ARG A 277 -13.49 8.76 -10.28
C ARG A 277 -14.99 8.93 -10.09
N SER A 278 -15.75 7.84 -10.13
CA SER A 278 -17.21 7.95 -10.03
C SER A 278 -17.62 8.53 -8.67
N LEU A 279 -16.91 8.15 -7.62
CA LEU A 279 -17.15 8.73 -6.31
C LEU A 279 -16.90 10.23 -6.32
N SER A 280 -15.68 10.61 -6.70
CA SER A 280 -15.27 12.00 -6.61
C SER A 280 -16.02 12.91 -7.55
N PHE A 281 -16.72 12.37 -8.55
CA PHE A 281 -17.54 13.22 -9.42
C PHE A 281 -18.91 13.47 -8.86
N GLN A 282 -19.24 12.91 -7.71
CA GLN A 282 -20.50 13.20 -7.02
C GLN A 282 -20.15 13.96 -5.74
N PRO A 283 -20.32 15.28 -5.72
CA PRO A 283 -19.83 16.05 -4.56
C PRO A 283 -20.46 15.60 -3.25
N GLU A 284 -21.70 15.09 -3.27
CA GLU A 284 -22.29 14.62 -2.01
C GLU A 284 -21.56 13.42 -1.44
N HIS A 285 -20.80 12.68 -2.26
CA HIS A 285 -19.92 11.64 -1.75
C HIS A 285 -18.50 12.13 -1.58
N SER A 286 -17.96 12.88 -2.54
CA SER A 286 -16.59 13.33 -2.37
C SER A 286 -16.44 14.16 -1.11
N MET A 287 -17.50 14.86 -0.68
CA MET A 287 -17.40 15.68 0.53
C MET A 287 -17.14 14.84 1.76
N GLN A 288 -17.46 13.54 1.72
CA GLN A 288 -17.13 12.64 2.82
C GLN A 288 -15.67 12.20 2.84
N LEU A 289 -14.90 12.44 1.78
CA LEU A 289 -13.49 12.06 1.75
C LEU A 289 -12.68 12.98 2.66
N THR A 290 -11.39 12.72 2.81
CA THR A 290 -10.59 13.64 3.61
C THR A 290 -9.75 14.49 2.68
N PRO A 291 -9.23 15.64 3.16
CA PRO A 291 -8.35 16.44 2.29
C PRO A 291 -7.13 15.68 1.78
N LEU A 292 -6.53 14.82 2.60
CA LEU A 292 -5.35 14.08 2.15
C LEU A 292 -5.72 13.10 1.05
N VAL A 293 -6.83 12.37 1.21
CA VAL A 293 -7.29 11.46 0.18
C VAL A 293 -7.53 12.19 -1.12
N LEU A 294 -8.19 13.33 -1.06
CA LEU A 294 -8.50 14.06 -2.28
C LEU A 294 -7.23 14.52 -2.98
N GLU A 295 -6.21 14.89 -2.21
CA GLU A 295 -4.98 15.34 -2.82
C GLU A 295 -4.24 14.17 -3.47
N VAL A 296 -4.14 13.05 -2.76
CA VAL A 296 -3.32 11.93 -3.21
C VAL A 296 -3.99 11.19 -4.35
N PHE A 297 -5.26 10.84 -4.19
CA PHE A 297 -5.99 10.16 -5.25
C PHE A 297 -6.45 11.10 -6.37
N GLY A 298 -6.25 12.41 -6.22
CA GLY A 298 -6.69 13.36 -7.22
C GLY A 298 -5.75 13.36 -8.41
N SER A 299 -6.03 14.24 -9.36
CA SER A 299 -5.33 14.22 -10.63
C SER A 299 -4.48 15.46 -10.87
N GLU A 300 -4.18 16.24 -9.82
CA GLU A 300 -3.28 17.38 -9.96
C GLU A 300 -1.87 16.91 -10.37
N VAL A 301 -1.13 17.82 -11.00
CA VAL A 301 0.25 17.52 -11.39
C VAL A 301 1.25 18.47 -10.73
N ARG B 1 -0.12 23.36 -5.51
CA ARG B 1 -0.93 22.21 -5.11
C ARG B 1 -0.06 21.15 -4.45
N HIS B 2 -0.69 20.03 -4.09
CA HIS B 2 -0.07 19.00 -3.26
C HIS B 2 0.45 19.60 -1.95
N LYS B 3 -0.36 20.49 -1.39
CA LYS B 3 0.02 21.24 -0.20
C LYS B 3 0.29 20.32 0.97
N ILE B 4 -0.56 19.31 1.18
CA ILE B 4 -0.38 18.43 2.32
C ILE B 4 0.80 17.52 2.11
N LEU B 5 0.91 16.96 0.91
CA LEU B 5 1.99 16.01 0.62
C LEU B 5 3.36 16.63 0.81
N HIS B 6 3.55 17.84 0.29
CA HIS B 6 4.81 18.55 0.50
C HIS B 6 5.12 18.65 1.97
N ARG B 7 4.13 19.07 2.76
CA ARG B 7 4.33 19.24 4.19
C ARG B 7 4.68 17.94 4.86
N LEU B 8 3.93 16.88 4.58
CA LEU B 8 4.20 15.59 5.20
C LEU B 8 5.55 15.04 4.76
N LEU B 9 5.94 15.30 3.52
CA LEU B 9 7.26 14.87 3.05
C LEU B 9 8.38 15.69 3.64
N GLN B 10 8.07 16.69 4.48
CA GLN B 10 9.02 17.63 5.07
C GLN B 10 9.72 18.45 3.99
#